data_2FY4
#
_entry.id   2FY4
#
_cell.length_a   54.700
_cell.length_b   73.980
_cell.length_c   165.700
_cell.angle_alpha   90.00
_cell.angle_beta   90.00
_cell.angle_gamma   90.00
#
_symmetry.space_group_name_H-M   'P 21 21 21'
#
loop_
_entity.id
_entity.type
_entity.pdbx_description
1 polymer 'Choline O-acetyltransferase'
2 non-polymer 'COENZYME A'
3 water water
#
_entity_poly.entity_id   1
_entity_poly.type   'polypeptide(L)'
_entity_poly.pdbx_seq_one_letter_code
;AAAKTPSSEESGLPKLPVPPLQQTLATYLQCMRHLVSEEQFRKSQAIVQQFGAPGGLGETLQQKLLERQEKTANWVSEYW
LNDMYLNNRLALPVNSSPAVIFARQHFPGTDDQLRFAASLISGVLSYKALLDSHSIPTDCAKGQLSGQPLCMKQYYGLFS
SYRLPGHTQDTLVAQNSSIMPEPEHVIVACCNQFFVLDVVINFRRLSEGDLFTQLRKIVKMASNAAARLPPIGLLTSDGR
SEWAEARTVLVKDSTNRDSLDMIERCICLVCLDAPGGVELSDTHRALQLLHGGGYSKNGANRWYDKSLQFVVGRDGTCGV
VCEHSPFDGIVLVQCTEHLLKHMTQPELVRSPMVPLPAPRRLRWKCSPEIQGHLASSAEKLQRIVKNLDFIVYKFDNYGK
TFIKKQKCSPDAFIQVALQLAFYRLHRRLVPTYESASIRRFQEGRVDNIRSATPEALAFVRAVTDHKAAVPASEKLLLLK
DAIRAQTAYTVMAITGMAIDNHLLALRELARAMCAALPEMFMDETYLMSNRFVLSTSQVPTTTEMFCCYGPVVPNGYGAC
YNPQPETILFCISSFHSCAATSSSKFAKAVEESLIDMRDLCSLLPPTESKPL
;
_entity_poly.pdbx_strand_id   A
#
loop_
_chem_comp.id
_chem_comp.type
_chem_comp.name
_chem_comp.formula
COA non-polymer 'COENZYME A' 'C21 H36 N7 O16 P3 S'
#
# COMPACT_ATOMS: atom_id res chain seq x y z
N SER A 11 17.61 -14.36 -14.43
CA SER A 11 16.17 -14.27 -14.80
C SER A 11 15.96 -14.17 -16.31
N GLY A 12 14.83 -14.70 -16.78
CA GLY A 12 14.52 -14.67 -18.20
C GLY A 12 13.66 -13.48 -18.60
N LEU A 13 13.20 -12.73 -17.60
CA LEU A 13 12.36 -11.55 -17.86
C LEU A 13 13.21 -10.44 -18.46
N PRO A 14 12.59 -9.57 -19.26
CA PRO A 14 13.31 -8.45 -19.87
C PRO A 14 13.60 -7.39 -18.81
N LYS A 15 14.60 -6.55 -19.06
CA LYS A 15 14.92 -5.50 -18.12
C LYS A 15 13.99 -4.32 -18.35
N LEU A 16 13.69 -3.59 -17.29
CA LEU A 16 12.87 -2.40 -17.34
C LEU A 16 13.49 -1.50 -18.39
N PRO A 17 12.69 -1.06 -19.37
CA PRO A 17 13.22 -0.20 -20.43
C PRO A 17 13.58 1.22 -20.00
N VAL A 18 14.45 1.83 -20.77
CA VAL A 18 14.77 3.20 -20.52
C VAL A 18 14.13 3.96 -21.64
N PRO A 19 13.03 4.69 -21.37
CA PRO A 19 12.37 5.44 -22.42
C PRO A 19 13.27 6.50 -23.03
N PRO A 20 13.06 6.85 -24.28
CA PRO A 20 13.89 7.85 -24.88
C PRO A 20 13.71 9.21 -24.15
N LEU A 21 14.78 9.99 -24.05
CA LEU A 21 14.71 11.26 -23.32
C LEU A 21 13.64 12.23 -23.84
N GLN A 22 13.69 12.52 -25.13
CA GLN A 22 12.73 13.45 -25.74
C GLN A 22 11.28 13.01 -25.55
N GLN A 23 11.04 11.70 -25.54
CA GLN A 23 9.68 11.19 -25.36
C GLN A 23 9.15 11.56 -23.97
N THR A 24 9.98 11.31 -22.96
CA THR A 24 9.59 11.61 -21.60
C THR A 24 9.44 13.10 -21.36
N LEU A 25 10.30 13.90 -21.96
CA LEU A 25 10.22 15.34 -21.77
C LEU A 25 8.95 15.89 -22.40
N ALA A 26 8.65 15.43 -23.61
CA ALA A 26 7.45 15.90 -24.30
C ALA A 26 6.21 15.51 -23.49
N THR A 27 6.15 14.25 -23.07
CA THR A 27 5.02 13.75 -22.29
C THR A 27 4.86 14.54 -21.00
N TYR A 28 5.98 14.78 -20.32
CA TYR A 28 5.97 15.54 -19.08
C TYR A 28 5.26 16.89 -19.24
N LEU A 29 5.76 17.70 -20.17
CA LEU A 29 5.17 19.01 -20.42
C LEU A 29 3.69 18.92 -20.74
N GLN A 30 3.34 17.97 -21.61
CA GLN A 30 1.96 17.78 -22.00
C GLN A 30 1.09 17.41 -20.79
N CYS A 31 1.65 16.61 -19.88
CA CYS A 31 0.94 16.19 -18.66
C CYS A 31 0.62 17.35 -17.73
N MET A 32 1.49 18.37 -17.74
CA MET A 32 1.34 19.49 -16.82
C MET A 32 0.82 20.81 -17.38
N ARG A 33 0.78 20.96 -18.69
CA ARG A 33 0.32 22.22 -19.26
C ARG A 33 -1.01 22.71 -18.67
N HIS A 34 -2.01 21.84 -18.63
CA HIS A 34 -3.32 22.23 -18.11
C HIS A 34 -3.39 22.26 -16.59
N LEU A 35 -2.30 21.92 -15.91
CA LEU A 35 -2.30 21.91 -14.46
C LEU A 35 -1.50 23.06 -13.85
N VAL A 36 -1.02 23.99 -14.69
CA VAL A 36 -0.26 25.13 -14.20
C VAL A 36 -0.67 26.38 -14.99
N SER A 37 -0.30 27.55 -14.48
CA SER A 37 -0.64 28.81 -15.16
C SER A 37 0.13 28.87 -16.47
N GLU A 38 -0.35 29.70 -17.39
CA GLU A 38 0.30 29.86 -18.68
C GLU A 38 1.72 30.38 -18.49
N GLU A 39 1.87 31.39 -17.63
CA GLU A 39 3.18 31.99 -17.34
C GLU A 39 4.15 30.92 -16.87
N GLN A 40 3.73 30.15 -15.86
CA GLN A 40 4.56 29.09 -15.31
C GLN A 40 4.89 28.04 -16.37
N PHE A 41 3.91 27.72 -17.22
CA PHE A 41 4.16 26.73 -18.27
C PHE A 41 5.25 27.22 -19.23
N ARG A 42 5.17 28.49 -19.61
CA ARG A 42 6.15 29.06 -20.53
C ARG A 42 7.54 28.91 -19.92
N LYS A 43 7.67 29.21 -18.64
CA LYS A 43 8.96 29.09 -17.98
C LYS A 43 9.44 27.65 -17.97
N SER A 44 8.52 26.72 -17.74
CA SER A 44 8.86 25.31 -17.71
C SER A 44 9.28 24.83 -19.09
N GLN A 45 8.59 25.30 -20.12
CA GLN A 45 8.90 24.94 -21.49
C GLN A 45 10.36 25.24 -21.77
N ALA A 46 10.77 26.46 -21.42
CA ALA A 46 12.14 26.91 -21.63
C ALA A 46 13.11 26.11 -20.77
N ILE A 47 12.73 25.82 -19.53
CA ILE A 47 13.60 25.04 -18.67
C ILE A 47 13.85 23.66 -19.26
N VAL A 48 12.79 23.01 -19.74
CA VAL A 48 12.88 21.68 -20.34
C VAL A 48 13.69 21.70 -21.64
N GLN A 49 13.41 22.68 -22.48
CA GLN A 49 14.13 22.83 -23.75
C GLN A 49 15.63 22.86 -23.47
N GLN A 50 16.02 23.64 -22.48
CA GLN A 50 17.44 23.74 -22.15
C GLN A 50 17.99 22.45 -21.56
N PHE A 51 17.20 21.76 -20.75
CA PHE A 51 17.62 20.52 -20.13
C PHE A 51 17.86 19.41 -21.15
N GLY A 52 16.92 19.26 -22.10
CA GLY A 52 17.06 18.20 -23.09
C GLY A 52 17.69 18.58 -24.42
N ALA A 53 18.36 19.71 -24.48
CA ALA A 53 18.99 20.15 -25.72
C ALA A 53 20.18 19.27 -26.10
N PRO A 54 20.51 19.21 -27.40
CA PRO A 54 21.64 18.39 -27.85
C PRO A 54 22.92 18.71 -27.09
N GLY A 55 23.58 17.67 -26.59
CA GLY A 55 24.82 17.86 -25.85
C GLY A 55 24.60 18.54 -24.51
N GLY A 56 23.34 18.59 -24.08
CA GLY A 56 23.01 19.20 -22.81
C GLY A 56 23.10 18.25 -21.64
N LEU A 57 22.66 18.71 -20.48
CA LEU A 57 22.69 17.90 -19.27
C LEU A 57 21.79 16.66 -19.39
N GLY A 58 20.58 16.86 -19.90
CA GLY A 58 19.66 15.76 -20.07
C GLY A 58 20.28 14.56 -20.76
N GLU A 59 20.95 14.80 -21.89
CA GLU A 59 21.57 13.72 -22.63
C GLU A 59 22.72 13.08 -21.87
N THR A 60 23.44 13.87 -21.08
CA THR A 60 24.54 13.33 -20.29
C THR A 60 23.97 12.37 -19.24
N LEU A 61 22.89 12.79 -18.58
CA LEU A 61 22.27 11.95 -17.55
C LEU A 61 21.63 10.71 -18.17
N GLN A 62 21.03 10.87 -19.34
CA GLN A 62 20.41 9.74 -20.03
C GLN A 62 21.46 8.66 -20.32
N GLN A 63 22.65 9.07 -20.76
CA GLN A 63 23.72 8.12 -21.07
C GLN A 63 24.09 7.37 -19.80
N LYS A 64 24.19 8.10 -18.69
CA LYS A 64 24.51 7.48 -17.42
C LYS A 64 23.44 6.49 -16.99
N LEU A 65 22.19 6.77 -17.36
CA LEU A 65 21.09 5.87 -17.01
C LEU A 65 21.20 4.60 -17.83
N LEU A 66 21.56 4.72 -19.10
CA LEU A 66 21.72 3.54 -19.94
C LEU A 66 22.84 2.67 -19.36
N GLU A 67 23.89 3.31 -18.87
CA GLU A 67 25.01 2.59 -18.28
C GLU A 67 24.52 1.87 -17.04
N ARG A 68 23.70 2.56 -16.24
CA ARG A 68 23.16 1.98 -15.02
C ARG A 68 22.23 0.80 -15.37
N GLN A 69 21.44 0.96 -16.42
CA GLN A 69 20.52 -0.10 -16.83
C GLN A 69 21.29 -1.38 -17.15
N GLU A 70 22.42 -1.21 -17.82
CA GLU A 70 23.26 -2.34 -18.20
C GLU A 70 23.93 -2.99 -17.00
N LYS A 71 24.35 -2.18 -16.04
CA LYS A 71 25.03 -2.68 -14.85
C LYS A 71 24.13 -3.21 -13.74
N THR A 72 22.83 -2.95 -13.84
CA THR A 72 21.92 -3.44 -12.81
C THR A 72 20.76 -4.23 -13.40
N ALA A 73 20.07 -4.98 -12.56
CA ALA A 73 18.94 -5.78 -12.98
C ALA A 73 17.73 -4.87 -13.24
N ASN A 74 17.62 -3.82 -12.44
CA ASN A 74 16.52 -2.85 -12.55
C ASN A 74 17.10 -1.50 -12.14
N TRP A 75 17.26 -0.60 -13.09
CA TRP A 75 17.84 0.71 -12.83
C TRP A 75 17.09 1.64 -11.89
N VAL A 76 15.88 1.30 -11.48
CA VAL A 76 15.13 2.20 -10.61
C VAL A 76 14.80 1.66 -9.23
N SER A 77 15.01 0.36 -9.03
CA SER A 77 14.70 -0.25 -7.75
C SER A 77 15.16 0.55 -6.55
N GLU A 78 16.43 0.91 -6.52
CA GLU A 78 17.00 1.67 -5.40
C GLU A 78 16.39 3.06 -5.24
N TYR A 79 16.37 3.82 -6.31
CA TYR A 79 15.80 5.17 -6.26
C TYR A 79 14.33 5.12 -5.84
N TRP A 80 13.58 4.23 -6.47
CA TRP A 80 12.16 4.08 -6.20
C TRP A 80 11.90 3.71 -4.76
N LEU A 81 12.59 2.67 -4.29
CA LEU A 81 12.42 2.20 -2.93
C LEU A 81 12.64 3.32 -1.91
N ASN A 82 13.65 4.15 -2.15
CA ASN A 82 13.92 5.26 -1.23
C ASN A 82 12.94 6.41 -1.37
N ASP A 83 12.70 6.81 -2.61
CA ASP A 83 11.80 7.93 -2.88
C ASP A 83 10.36 7.66 -2.50
N MET A 84 9.89 6.45 -2.77
CA MET A 84 8.51 6.08 -2.49
C MET A 84 8.25 5.76 -1.02
N TYR A 85 9.21 5.05 -0.39
CA TYR A 85 9.00 4.65 1.01
C TYR A 85 10.09 4.98 2.03
N LEU A 86 11.27 4.39 1.91
CA LEU A 86 12.33 4.58 2.93
C LEU A 86 12.66 6.01 3.33
N ASN A 87 12.63 6.96 2.39
CA ASN A 87 12.92 8.34 2.74
C ASN A 87 11.78 9.04 3.46
N ASN A 88 10.55 8.53 3.31
CA ASN A 88 9.38 9.14 3.93
C ASN A 88 9.45 9.12 5.46
N ARG A 89 9.34 10.30 6.07
CA ARG A 89 9.42 10.45 7.52
C ARG A 89 8.08 10.26 8.25
N LEU A 90 6.97 10.30 7.51
CA LEU A 90 5.66 10.13 8.15
C LEU A 90 5.52 8.79 8.85
N ALA A 91 4.67 8.75 9.88
CA ALA A 91 4.41 7.51 10.60
C ALA A 91 3.79 6.54 9.60
N LEU A 92 4.11 5.26 9.73
CA LEU A 92 3.61 4.23 8.82
C LEU A 92 2.09 4.06 8.82
N PRO A 93 1.46 4.05 10.00
CA PRO A 93 0.00 3.88 10.05
C PRO A 93 -0.75 4.93 9.23
N VAL A 94 -1.71 4.47 8.42
CA VAL A 94 -2.53 5.33 7.57
C VAL A 94 -1.77 5.99 6.44
N ASN A 95 -0.62 6.60 6.74
CA ASN A 95 0.18 7.27 5.71
C ASN A 95 0.81 6.31 4.71
N SER A 96 1.24 5.16 5.21
CA SER A 96 1.97 4.23 4.35
C SER A 96 1.51 2.78 4.32
N SER A 97 1.27 2.20 5.45
CA SER A 97 0.90 0.81 5.48
C SER A 97 -0.55 0.53 5.17
N PRO A 98 -0.82 -0.07 3.99
CA PRO A 98 -2.20 -0.36 3.63
C PRO A 98 -2.72 -1.55 4.43
N ALA A 99 -4.02 -1.73 4.41
CA ALA A 99 -4.64 -2.83 5.14
C ALA A 99 -5.62 -3.57 4.25
N VAL A 100 -5.68 -4.88 4.45
CA VAL A 100 -6.59 -5.73 3.71
C VAL A 100 -7.50 -6.29 4.79
N ILE A 101 -8.81 -6.07 4.63
CA ILE A 101 -9.79 -6.55 5.59
C ILE A 101 -10.46 -7.82 5.08
N PHE A 102 -10.53 -8.85 5.93
CA PHE A 102 -11.18 -10.09 5.54
C PHE A 102 -12.66 -9.93 5.88
N ALA A 103 -13.47 -10.93 5.53
CA ALA A 103 -14.90 -10.88 5.82
C ALA A 103 -15.11 -10.90 7.32
N ARG A 104 -16.29 -10.47 7.75
CA ARG A 104 -16.60 -10.46 9.17
C ARG A 104 -16.67 -11.91 9.64
N GLN A 105 -16.06 -12.19 10.78
CA GLN A 105 -16.06 -13.55 11.34
C GLN A 105 -16.89 -13.54 12.63
N HIS A 106 -17.33 -14.71 13.07
CA HIS A 106 -18.11 -14.80 14.30
C HIS A 106 -17.42 -15.74 15.28
N PHE A 107 -17.00 -15.19 16.41
CA PHE A 107 -16.33 -15.96 17.44
C PHE A 107 -17.11 -15.94 18.75
N PRO A 108 -18.05 -16.89 18.92
CA PRO A 108 -18.85 -16.96 20.14
C PRO A 108 -17.94 -16.99 21.37
N GLY A 109 -16.98 -17.90 21.36
CA GLY A 109 -16.07 -18.00 22.48
C GLY A 109 -14.63 -17.72 22.06
N THR A 110 -13.77 -17.44 23.03
CA THR A 110 -12.37 -17.17 22.75
C THR A 110 -11.72 -18.27 21.93
N ASP A 111 -12.11 -19.52 22.20
CA ASP A 111 -11.53 -20.64 21.46
C ASP A 111 -11.79 -20.55 19.97
N ASP A 112 -12.93 -19.99 19.59
CA ASP A 112 -13.27 -19.85 18.18
C ASP A 112 -12.27 -18.91 17.52
N GLN A 113 -11.91 -17.85 18.24
CA GLN A 113 -10.93 -16.87 17.76
C GLN A 113 -9.57 -17.55 17.60
N LEU A 114 -9.19 -18.31 18.61
CA LEU A 114 -7.91 -19.01 18.61
C LEU A 114 -7.86 -20.12 17.57
N ARG A 115 -8.98 -20.76 17.29
CA ARG A 115 -9.00 -21.82 16.28
C ARG A 115 -8.72 -21.20 14.92
N PHE A 116 -9.35 -20.05 14.67
CA PHE A 116 -9.17 -19.33 13.41
C PHE A 116 -7.68 -18.99 13.28
N ALA A 117 -7.15 -18.35 14.31
CA ALA A 117 -5.75 -17.94 14.32
C ALA A 117 -4.80 -19.12 14.10
N ALA A 118 -5.13 -20.26 14.69
CA ALA A 118 -4.30 -21.45 14.54
C ALA A 118 -4.29 -21.90 13.09
N SER A 119 -5.47 -22.00 12.50
CA SER A 119 -5.63 -22.39 11.11
C SER A 119 -4.89 -21.41 10.20
N LEU A 120 -5.06 -20.13 10.49
CA LEU A 120 -4.43 -19.09 9.69
C LEU A 120 -2.91 -19.26 9.72
N ILE A 121 -2.35 -19.47 10.91
CA ILE A 121 -0.91 -19.64 11.05
C ILE A 121 -0.46 -20.87 10.25
N SER A 122 -1.25 -21.94 10.30
CA SER A 122 -0.94 -23.16 9.54
C SER A 122 -0.90 -22.80 8.06
N GLY A 123 -1.93 -22.07 7.61
CA GLY A 123 -1.98 -21.66 6.23
C GLY A 123 -0.68 -20.96 5.87
N VAL A 124 -0.29 -20.00 6.70
CA VAL A 124 0.93 -19.24 6.48
C VAL A 124 2.16 -20.15 6.33
N LEU A 125 2.24 -21.18 7.17
CA LEU A 125 3.35 -22.12 7.13
C LEU A 125 3.43 -22.95 5.85
N SER A 126 2.27 -23.40 5.36
CA SER A 126 2.28 -24.20 4.13
C SER A 126 2.54 -23.30 2.93
N TYR A 127 2.05 -22.06 3.00
CA TYR A 127 2.28 -21.12 1.91
C TYR A 127 3.77 -20.84 1.84
N LYS A 128 4.38 -20.62 3.00
CA LYS A 128 5.81 -20.34 3.07
C LYS A 128 6.63 -21.55 2.63
N ALA A 129 6.06 -22.74 2.76
CA ALA A 129 6.75 -23.95 2.34
C ALA A 129 6.77 -23.97 0.82
N LEU A 130 5.64 -23.61 0.21
CA LEU A 130 5.53 -23.56 -1.23
C LEU A 130 6.55 -22.56 -1.77
N LEU A 131 6.71 -21.45 -1.05
CA LEU A 131 7.65 -20.41 -1.46
C LEU A 131 9.10 -20.87 -1.31
N ASP A 132 9.44 -21.43 -0.16
CA ASP A 132 10.80 -21.90 0.07
C ASP A 132 11.19 -23.00 -0.93
N SER A 133 10.19 -23.66 -1.49
CA SER A 133 10.44 -24.72 -2.47
C SER A 133 10.23 -24.23 -3.91
N HIS A 134 10.04 -22.91 -4.06
CA HIS A 134 9.84 -22.30 -5.36
C HIS A 134 8.75 -23.04 -6.13
N SER A 135 7.71 -23.44 -5.42
CA SER A 135 6.62 -24.19 -6.02
C SER A 135 5.43 -23.33 -6.40
N ILE A 136 5.50 -22.04 -6.10
CA ILE A 136 4.39 -21.16 -6.45
C ILE A 136 4.36 -20.95 -7.97
N PRO A 137 3.21 -21.18 -8.61
CA PRO A 137 3.06 -21.03 -10.06
C PRO A 137 3.41 -19.61 -10.52
N THR A 138 4.31 -19.50 -11.50
CA THR A 138 4.72 -18.20 -12.02
C THR A 138 3.53 -17.44 -12.60
N ASP A 139 3.31 -16.20 -12.13
CA ASP A 139 2.19 -15.38 -12.59
C ASP A 139 2.32 -14.90 -14.04
N CYS A 140 1.16 -14.68 -14.66
CA CYS A 140 1.10 -14.20 -16.03
C CYS A 140 0.17 -12.98 -16.08
N ALA A 141 0.50 -12.01 -16.93
CA ALA A 141 -0.28 -10.80 -17.08
C ALA A 141 -1.68 -11.11 -17.58
N LYS A 142 -2.61 -10.35 -17.00
CA LYS A 142 -4.01 -10.42 -17.36
C LYS A 142 -4.56 -9.00 -17.45
N GLY A 143 -5.66 -8.80 -18.18
CA GLY A 143 -6.19 -7.46 -18.37
C GLY A 143 -5.49 -6.85 -19.59
N GLN A 144 -4.85 -5.70 -19.40
CA GLN A 144 -4.11 -5.05 -20.49
C GLN A 144 -2.84 -5.85 -20.83
N LEU A 145 -2.68 -6.25 -22.10
CA LEU A 145 -1.52 -7.01 -22.58
C LEU A 145 -1.33 -8.17 -21.61
N SER A 146 -2.00 -9.30 -21.87
CA SER A 146 -1.89 -10.43 -20.95
C SER A 146 -1.30 -11.68 -21.58
N GLY A 147 -0.66 -12.51 -20.75
CA GLY A 147 -0.06 -13.74 -21.24
C GLY A 147 1.42 -13.91 -20.91
N GLN A 148 2.13 -12.80 -20.78
CA GLN A 148 3.57 -12.84 -20.50
C GLN A 148 3.86 -13.09 -19.03
N PRO A 149 5.01 -13.74 -18.74
CA PRO A 149 5.42 -14.03 -17.37
C PRO A 149 5.62 -12.75 -16.58
N LEU A 150 5.40 -12.83 -15.27
CA LEU A 150 5.57 -11.67 -14.40
C LEU A 150 6.67 -11.97 -13.38
N CYS A 151 7.28 -10.93 -12.84
CA CYS A 151 8.33 -11.09 -11.85
C CYS A 151 7.70 -11.63 -10.56
N MET A 152 8.41 -12.53 -9.89
CA MET A 152 7.88 -13.12 -8.66
C MET A 152 8.68 -12.72 -7.41
N LYS A 153 9.68 -11.86 -7.59
CA LYS A 153 10.50 -11.44 -6.48
C LYS A 153 9.73 -10.96 -5.26
N GLN A 154 8.66 -10.19 -5.48
CA GLN A 154 7.86 -9.67 -4.37
C GLN A 154 7.40 -10.71 -3.35
N TYR A 155 7.01 -11.89 -3.83
CA TYR A 155 6.55 -12.96 -2.95
C TYR A 155 7.60 -13.35 -1.91
N TYR A 156 8.87 -13.24 -2.29
CA TYR A 156 9.96 -13.62 -1.41
C TYR A 156 10.25 -12.54 -0.35
N GLY A 157 9.46 -11.47 -0.38
CA GLY A 157 9.63 -10.39 0.58
C GLY A 157 8.46 -10.36 1.55
N LEU A 158 7.50 -11.25 1.33
CA LEU A 158 6.31 -11.35 2.18
C LEU A 158 6.62 -11.63 3.64
N PHE A 159 7.45 -12.63 3.90
CA PHE A 159 7.79 -12.99 5.28
C PHE A 159 9.24 -12.75 5.70
N SER A 160 10.11 -12.45 4.75
CA SER A 160 11.53 -12.25 5.09
C SER A 160 11.97 -10.80 5.22
N SER A 161 11.05 -9.88 5.45
CA SER A 161 11.42 -8.48 5.54
C SER A 161 11.05 -7.75 6.83
N TYR A 162 11.83 -6.73 7.13
CA TYR A 162 11.62 -5.90 8.32
C TYR A 162 12.09 -4.51 7.95
N ARG A 163 11.30 -3.49 8.30
CA ARG A 163 11.69 -2.13 7.98
C ARG A 163 12.25 -1.42 9.21
N LEU A 164 13.56 -1.18 9.19
CA LEU A 164 14.25 -0.51 10.27
C LEU A 164 14.12 1.02 10.19
N PRO A 165 13.79 1.66 11.32
CA PRO A 165 13.75 3.11 11.34
C PRO A 165 15.16 3.64 11.28
N GLY A 166 15.25 4.86 10.75
CA GLY A 166 16.48 5.61 10.57
C GLY A 166 16.15 7.07 10.74
N HIS A 167 17.19 7.85 11.05
CA HIS A 167 17.00 9.27 11.28
C HIS A 167 16.52 10.05 10.07
N THR A 168 17.09 9.73 8.92
CA THR A 168 16.71 10.41 7.68
C THR A 168 16.20 9.44 6.63
N GLN A 169 16.77 8.25 6.59
CA GLN A 169 16.37 7.23 5.62
C GLN A 169 16.27 5.88 6.32
N ASP A 170 15.17 5.17 6.08
CA ASP A 170 14.97 3.86 6.69
C ASP A 170 15.76 2.79 5.95
N THR A 171 15.79 1.59 6.52
CA THR A 171 16.50 0.48 5.90
C THR A 171 15.61 -0.73 5.82
N LEU A 172 15.46 -1.28 4.62
CA LEU A 172 14.64 -2.47 4.45
C LEU A 172 15.56 -3.67 4.57
N VAL A 173 15.44 -4.38 5.68
CA VAL A 173 16.28 -5.55 5.93
C VAL A 173 15.68 -6.80 5.31
N ALA A 174 16.46 -7.43 4.43
CA ALA A 174 16.07 -8.66 3.81
C ALA A 174 16.74 -9.81 4.53
N GLN A 175 15.94 -10.70 5.12
CA GLN A 175 16.45 -11.87 5.82
C GLN A 175 17.88 -12.24 5.43
N MET A 180 17.71 -17.88 7.76
CA MET A 180 16.35 -17.93 8.31
C MET A 180 16.45 -18.50 9.72
N PRO A 181 16.02 -17.76 10.76
CA PRO A 181 16.21 -18.27 12.13
C PRO A 181 15.62 -19.70 12.34
N GLU A 182 16.39 -20.50 13.07
CA GLU A 182 16.03 -21.89 13.35
C GLU A 182 16.24 -22.20 14.82
N PRO A 183 15.11 -22.41 15.55
CA PRO A 183 13.74 -22.38 14.99
C PRO A 183 13.25 -21.12 14.33
N GLU A 184 12.17 -21.32 13.58
CA GLU A 184 11.42 -20.33 12.82
C GLU A 184 10.17 -20.07 13.64
N HIS A 185 9.84 -18.78 13.87
CA HIS A 185 8.71 -18.49 14.73
C HIS A 185 7.88 -17.27 14.26
N VAL A 186 6.72 -17.12 14.89
CA VAL A 186 5.84 -15.99 14.63
C VAL A 186 5.68 -15.21 15.94
N ILE A 187 5.53 -13.88 15.86
CA ILE A 187 5.34 -13.10 17.07
C ILE A 187 3.85 -12.91 17.29
N VAL A 188 3.33 -13.38 18.43
CA VAL A 188 1.91 -13.23 18.73
C VAL A 188 1.73 -12.09 19.71
N ALA A 189 0.90 -11.12 19.36
CA ALA A 189 0.64 -9.98 20.23
C ALA A 189 -0.74 -10.07 20.86
N CYS A 190 -0.79 -9.90 22.17
CA CYS A 190 -2.04 -9.94 22.92
C CYS A 190 -1.91 -8.96 24.06
N CYS A 191 -2.95 -8.15 24.28
CA CYS A 191 -2.93 -7.15 25.35
C CYS A 191 -1.64 -6.34 25.28
N ASN A 192 -1.19 -6.07 24.07
CA ASN A 192 0.03 -5.31 23.80
C ASN A 192 1.30 -6.02 24.23
N GLN A 193 1.18 -7.30 24.52
CA GLN A 193 2.31 -8.12 24.94
C GLN A 193 2.75 -8.95 23.75
N PHE A 194 4.06 -9.07 23.55
CA PHE A 194 4.61 -9.84 22.44
C PHE A 194 5.20 -11.19 22.89
N PHE A 195 4.74 -12.27 22.27
CA PHE A 195 5.23 -13.62 22.60
C PHE A 195 5.86 -14.29 21.38
N VAL A 196 6.88 -15.10 21.64
CA VAL A 196 7.56 -15.84 20.59
C VAL A 196 6.88 -17.20 20.48
N LEU A 197 6.31 -17.50 19.32
CA LEU A 197 5.64 -18.78 19.10
C LEU A 197 6.38 -19.57 18.03
N ASP A 198 7.20 -20.54 18.44
CA ASP A 198 7.93 -21.35 17.49
C ASP A 198 6.94 -22.20 16.71
N VAL A 199 7.08 -22.20 15.38
CA VAL A 199 6.18 -22.96 14.53
C VAL A 199 6.85 -24.10 13.78
N VAL A 200 8.17 -24.05 13.69
CA VAL A 200 8.94 -25.08 12.98
C VAL A 200 10.25 -25.45 13.66
N ILE A 201 10.30 -26.63 14.28
CA ILE A 201 11.50 -27.11 14.94
C ILE A 201 12.51 -27.54 13.86
N ASN A 202 12.53 -28.83 13.53
CA ASN A 202 13.43 -29.30 12.48
C ASN A 202 12.54 -29.59 11.29
N PHE A 203 12.13 -28.53 10.60
CA PHE A 203 11.24 -28.66 9.46
C PHE A 203 9.93 -29.30 9.91
N ARG A 204 9.83 -29.56 11.21
CA ARG A 204 8.63 -30.12 11.79
C ARG A 204 7.71 -28.93 12.01
N ARG A 205 6.59 -28.95 11.31
CA ARG A 205 5.61 -27.88 11.36
C ARG A 205 4.49 -28.21 12.34
N LEU A 206 4.48 -27.51 13.48
CA LEU A 206 3.47 -27.72 14.50
C LEU A 206 2.10 -27.95 13.90
N SER A 207 1.30 -28.78 14.58
CA SER A 207 -0.04 -29.08 14.09
C SER A 207 -0.97 -27.92 14.40
N GLU A 208 -2.07 -27.86 13.68
CA GLU A 208 -3.06 -26.82 13.90
C GLU A 208 -3.68 -27.04 15.27
N GLY A 209 -3.46 -28.23 15.80
CA GLY A 209 -3.99 -28.57 17.12
C GLY A 209 -3.07 -28.05 18.19
N ASP A 210 -1.76 -28.14 17.93
CA ASP A 210 -0.76 -27.67 18.89
C ASP A 210 -0.69 -26.15 18.90
N LEU A 211 -0.98 -25.53 17.77
CA LEU A 211 -0.97 -24.08 17.66
C LEU A 211 -2.09 -23.52 18.52
N PHE A 212 -3.24 -24.19 18.49
CA PHE A 212 -4.40 -23.79 19.28
C PHE A 212 -4.01 -23.81 20.76
N THR A 213 -3.44 -24.92 21.17
CA THR A 213 -2.99 -25.11 22.55
C THR A 213 -2.00 -24.03 22.98
N GLN A 214 -1.06 -23.70 22.09
CA GLN A 214 -0.07 -22.67 22.40
C GLN A 214 -0.72 -21.30 22.54
N LEU A 215 -1.68 -21.01 21.66
CA LEU A 215 -2.38 -19.73 21.70
C LEU A 215 -3.16 -19.56 22.99
N ARG A 216 -3.74 -20.64 23.50
CA ARG A 216 -4.50 -20.61 24.75
C ARG A 216 -3.59 -20.18 25.90
N LYS A 217 -2.36 -20.70 25.87
CA LYS A 217 -1.37 -20.38 26.88
C LYS A 217 -1.05 -18.89 26.80
N ILE A 218 -0.77 -18.44 25.58
CA ILE A 218 -0.44 -17.02 25.35
C ILE A 218 -1.52 -16.09 25.89
N VAL A 219 -2.78 -16.38 25.58
CA VAL A 219 -3.89 -15.56 26.06
C VAL A 219 -3.85 -15.52 27.58
N LYS A 220 -3.62 -16.68 28.20
CA LYS A 220 -3.56 -16.80 29.65
C LYS A 220 -2.46 -15.93 30.24
N MET A 221 -1.25 -16.06 29.71
CA MET A 221 -0.13 -15.26 30.19
C MET A 221 -0.34 -13.78 29.94
N ALA A 222 -0.92 -13.45 28.79
CA ALA A 222 -1.17 -12.06 28.43
C ALA A 222 -2.19 -11.42 29.36
N SER A 223 -2.66 -12.18 30.33
CA SER A 223 -3.64 -11.68 31.29
C SER A 223 -3.04 -11.52 32.68
N ASN A 224 -1.76 -11.82 32.82
CA ASN A 224 -1.08 -11.73 34.10
C ASN A 224 -0.61 -10.30 34.40
N ALA A 225 -1.28 -9.66 35.36
CA ALA A 225 -0.97 -8.29 35.77
C ALA A 225 0.47 -8.09 36.23
N ALA A 226 0.93 -8.94 37.13
CA ALA A 226 2.29 -8.84 37.67
C ALA A 226 3.35 -9.01 36.58
N ALA A 227 2.95 -9.52 35.42
CA ALA A 227 3.90 -9.74 34.34
C ALA A 227 3.75 -8.76 33.18
N ARG A 228 2.65 -8.02 33.17
CA ARG A 228 2.39 -7.06 32.10
C ARG A 228 3.53 -6.07 31.91
N LEU A 229 4.00 -5.96 30.68
CA LEU A 229 5.09 -5.05 30.35
C LEU A 229 4.53 -3.85 29.58
N PRO A 230 5.33 -2.76 29.46
CA PRO A 230 4.89 -1.56 28.75
C PRO A 230 4.65 -1.85 27.26
N PRO A 231 3.67 -1.17 26.65
CA PRO A 231 3.27 -1.33 25.25
C PRO A 231 4.27 -0.78 24.22
N ILE A 232 5.46 -1.37 24.22
CA ILE A 232 6.54 -0.98 23.31
C ILE A 232 6.09 -0.89 21.85
N GLY A 233 5.15 -1.74 21.46
CA GLY A 233 4.67 -1.73 20.08
C GLY A 233 4.28 -0.32 19.64
N LEU A 234 3.70 0.43 20.57
CA LEU A 234 3.27 1.80 20.31
C LEU A 234 4.35 2.64 19.64
N LEU A 235 5.60 2.41 20.02
CA LEU A 235 6.72 3.17 19.48
C LEU A 235 6.87 3.04 17.97
N THR A 236 6.49 1.90 17.42
CA THR A 236 6.62 1.69 15.98
C THR A 236 5.54 2.41 15.18
N SER A 237 4.55 3.00 15.86
CA SER A 237 3.47 3.71 15.17
C SER A 237 3.75 5.19 15.01
N ASP A 238 4.92 5.62 15.48
CA ASP A 238 5.31 7.03 15.43
C ASP A 238 6.03 7.41 14.14
N GLY A 239 6.42 8.68 14.03
CA GLY A 239 7.15 9.13 12.85
C GLY A 239 8.40 8.28 12.75
N ARG A 240 8.97 8.16 11.55
CA ARG A 240 10.15 7.34 11.39
C ARG A 240 11.37 7.87 12.13
N SER A 241 11.58 9.18 12.09
CA SER A 241 12.71 9.76 12.82
C SER A 241 12.50 9.61 14.32
N GLU A 242 11.25 9.73 14.76
CA GLU A 242 10.94 9.59 16.18
C GLU A 242 11.21 8.18 16.69
N TRP A 243 10.72 7.19 15.95
CA TRP A 243 10.90 5.79 16.30
C TRP A 243 12.39 5.42 16.28
N ALA A 244 13.10 5.92 15.27
CA ALA A 244 14.53 5.65 15.15
C ALA A 244 15.25 6.10 16.43
N GLU A 245 14.79 7.20 17.00
CA GLU A 245 15.38 7.74 18.20
C GLU A 245 15.02 6.94 19.44
N ALA A 246 13.74 6.61 19.58
CA ALA A 246 13.29 5.84 20.72
C ALA A 246 13.94 4.45 20.68
N ARG A 247 14.12 3.91 19.48
CA ARG A 247 14.74 2.60 19.31
C ARG A 247 16.20 2.65 19.76
N THR A 248 16.86 3.76 19.47
CA THR A 248 18.26 3.92 19.85
C THR A 248 18.36 3.85 21.37
N VAL A 249 17.35 4.39 22.05
CA VAL A 249 17.33 4.36 23.50
C VAL A 249 17.17 2.91 23.97
N LEU A 250 16.26 2.19 23.34
CA LEU A 250 16.00 0.80 23.69
C LEU A 250 17.25 -0.07 23.52
N VAL A 251 17.94 0.12 22.40
CA VAL A 251 19.13 -0.65 22.06
C VAL A 251 20.24 -0.62 23.12
N LYS A 252 20.21 0.38 24.00
CA LYS A 252 21.22 0.49 25.05
C LYS A 252 21.19 -0.72 25.98
N ASP A 253 20.02 -1.31 26.15
CA ASP A 253 19.88 -2.47 27.02
C ASP A 253 19.93 -3.79 26.25
N SER A 254 20.69 -4.73 26.78
CA SER A 254 20.85 -6.05 26.17
C SER A 254 19.54 -6.82 26.05
N THR A 255 18.70 -6.77 27.08
CA THR A 255 17.42 -7.47 27.07
C THR A 255 16.50 -6.98 25.96
N ASN A 256 16.51 -5.69 25.70
CA ASN A 256 15.66 -5.13 24.65
C ASN A 256 16.23 -5.49 23.27
N ARG A 257 17.55 -5.53 23.20
CA ARG A 257 18.26 -5.86 21.98
C ARG A 257 17.83 -7.26 21.50
N ASP A 258 17.68 -8.17 22.45
CA ASP A 258 17.27 -9.55 22.17
C ASP A 258 15.83 -9.61 21.67
N SER A 259 14.92 -8.99 22.39
CA SER A 259 13.51 -8.98 22.01
C SER A 259 13.31 -8.37 20.62
N LEU A 260 13.96 -7.24 20.36
CA LEU A 260 13.84 -6.62 19.05
C LEU A 260 14.25 -7.62 17.97
N ASP A 261 15.44 -8.19 18.13
CA ASP A 261 15.95 -9.16 17.17
C ASP A 261 14.92 -10.25 16.90
N MET A 262 14.31 -10.76 17.97
CA MET A 262 13.31 -11.81 17.81
C MET A 262 12.19 -11.33 16.90
N ILE A 263 11.72 -10.10 17.13
CA ILE A 263 10.67 -9.51 16.32
C ILE A 263 11.17 -9.35 14.89
N GLU A 264 12.39 -8.86 14.77
CA GLU A 264 13.02 -8.63 13.47
C GLU A 264 13.20 -9.89 12.62
N ARG A 265 13.31 -11.04 13.26
CA ARG A 265 13.51 -12.28 12.52
C ARG A 265 12.28 -13.19 12.44
N CYS A 266 11.14 -12.74 12.98
CA CYS A 266 9.95 -13.57 12.94
C CYS A 266 9.43 -13.69 11.52
N ILE A 267 8.48 -14.60 11.31
CA ILE A 267 7.88 -14.79 10.00
C ILE A 267 6.88 -13.68 9.76
N CYS A 268 6.12 -13.36 10.79
CA CYS A 268 5.10 -12.35 10.75
C CYS A 268 4.53 -12.16 12.12
N LEU A 269 3.50 -11.34 12.25
CA LEU A 269 2.86 -11.13 13.53
C LEU A 269 1.43 -11.61 13.42
N VAL A 270 0.88 -12.10 14.53
CA VAL A 270 -0.49 -12.52 14.61
C VAL A 270 -1.05 -11.75 15.78
N CYS A 271 -1.93 -10.79 15.50
CA CYS A 271 -2.46 -9.93 16.55
C CYS A 271 -3.86 -10.32 17.02
N LEU A 272 -3.95 -10.76 18.28
CA LEU A 272 -5.20 -11.11 18.88
C LEU A 272 -5.80 -9.86 19.46
N ASP A 273 -6.55 -9.12 18.66
CA ASP A 273 -7.16 -7.85 19.09
C ASP A 273 -8.30 -8.02 20.06
N ALA A 274 -8.42 -7.05 20.97
CA ALA A 274 -9.49 -7.04 21.96
C ALA A 274 -10.77 -6.63 21.23
N PRO A 275 -11.94 -6.89 21.84
CA PRO A 275 -13.20 -6.52 21.21
C PRO A 275 -13.25 -5.04 20.86
N GLY A 276 -13.59 -4.72 19.62
CA GLY A 276 -13.67 -3.33 19.24
C GLY A 276 -14.88 -2.76 19.95
N GLY A 277 -14.95 -1.44 20.09
CA GLY A 277 -16.11 -0.86 20.78
C GLY A 277 -17.31 -0.58 19.90
N VAL A 278 -17.06 0.00 18.73
CA VAL A 278 -18.13 0.35 17.80
C VAL A 278 -18.67 -0.83 17.00
N GLU A 279 -19.66 -0.55 16.17
CA GLU A 279 -20.29 -1.56 15.32
C GLU A 279 -19.30 -2.12 14.31
N LEU A 280 -19.51 -3.37 13.90
CA LEU A 280 -18.60 -4.01 12.95
C LEU A 280 -18.89 -3.82 11.47
N SER A 281 -18.97 -2.58 11.03
CA SER A 281 -19.21 -2.26 9.62
C SER A 281 -17.89 -2.33 8.87
N ASP A 282 -17.96 -2.48 7.54
CA ASP A 282 -16.75 -2.55 6.74
C ASP A 282 -15.83 -1.38 7.07
N THR A 283 -16.42 -0.19 7.21
CA THR A 283 -15.67 1.01 7.54
C THR A 283 -14.96 0.88 8.88
N HIS A 284 -15.70 0.53 9.92
CA HIS A 284 -15.12 0.39 11.26
C HIS A 284 -14.08 -0.72 11.34
N ARG A 285 -14.35 -1.84 10.65
CA ARG A 285 -13.41 -2.96 10.67
C ARG A 285 -12.12 -2.56 9.98
N ALA A 286 -12.21 -1.61 9.07
CA ALA A 286 -11.03 -1.14 8.34
C ALA A 286 -10.25 -0.16 9.22
N LEU A 287 -10.97 0.63 10.00
CA LEU A 287 -10.29 1.57 10.88
C LEU A 287 -9.40 0.78 11.85
N GLN A 288 -9.94 -0.33 12.34
CA GLN A 288 -9.20 -1.15 13.29
C GLN A 288 -7.92 -1.67 12.63
N LEU A 289 -8.04 -2.11 11.38
CA LEU A 289 -6.89 -2.64 10.66
C LEU A 289 -5.89 -1.57 10.28
N LEU A 290 -6.37 -0.35 10.06
CA LEU A 290 -5.46 0.74 9.68
C LEU A 290 -4.61 1.26 10.82
N HIS A 291 -5.26 1.61 11.93
CA HIS A 291 -4.53 2.17 13.06
C HIS A 291 -4.92 1.55 14.40
N GLY A 292 -5.75 0.52 14.36
CA GLY A 292 -6.16 -0.15 15.59
C GLY A 292 -7.10 0.62 16.49
N GLY A 293 -7.41 1.87 16.13
CA GLY A 293 -8.31 2.66 16.93
C GLY A 293 -7.63 3.44 18.03
N GLY A 294 -6.31 3.50 18.01
CA GLY A 294 -5.58 4.23 19.02
C GLY A 294 -5.15 3.38 20.19
N TYR A 295 -4.30 3.93 21.05
CA TYR A 295 -3.81 3.20 22.21
C TYR A 295 -4.92 2.67 23.12
N SER A 296 -6.08 3.35 23.18
CA SER A 296 -7.17 2.91 24.03
C SER A 296 -7.91 1.70 23.48
N LYS A 297 -7.50 1.23 22.30
CA LYS A 297 -8.19 0.11 21.63
C LYS A 297 -7.33 -1.13 21.24
N ASN A 298 -6.65 -1.05 20.12
CA ASN A 298 -5.74 -2.13 19.70
C ASN A 298 -4.54 -1.46 19.05
N GLY A 299 -4.44 -0.15 19.20
CA GLY A 299 -3.36 0.61 18.59
C GLY A 299 -1.93 0.25 18.97
N ALA A 300 -1.73 -0.40 20.11
CA ALA A 300 -0.39 -0.77 20.55
C ALA A 300 -0.11 -2.25 20.34
N ASN A 301 -1.17 -2.99 20.02
CA ASN A 301 -1.07 -4.44 19.79
C ASN A 301 -0.55 -4.63 18.37
N ARG A 302 0.53 -3.90 18.07
CA ARG A 302 1.14 -3.96 16.74
C ARG A 302 2.66 -3.74 16.75
N TRP A 303 3.26 -3.84 15.58
CA TRP A 303 4.67 -3.64 15.35
C TRP A 303 4.80 -3.38 13.86
N TYR A 304 4.52 -2.14 13.48
CA TYR A 304 4.47 -1.75 12.06
C TYR A 304 5.70 -2.01 11.20
N ASP A 305 6.87 -2.13 11.80
CA ASP A 305 8.07 -2.38 11.02
C ASP A 305 8.00 -3.73 10.30
N LYS A 306 7.33 -4.69 10.91
CA LYS A 306 7.20 -6.02 10.31
C LYS A 306 6.24 -5.94 9.12
N SER A 307 6.60 -6.60 8.03
CA SER A 307 5.81 -6.58 6.79
C SER A 307 4.36 -6.99 6.89
N LEU A 308 4.11 -8.13 7.54
CA LEU A 308 2.75 -8.63 7.69
C LEU A 308 2.30 -8.81 9.13
N GLN A 309 1.16 -8.21 9.46
CA GLN A 309 0.57 -8.31 10.79
C GLN A 309 -0.85 -8.83 10.58
N PHE A 310 -1.05 -10.12 10.82
CA PHE A 310 -2.38 -10.70 10.66
C PHE A 310 -3.17 -10.42 11.92
N VAL A 311 -4.33 -9.78 11.75
CA VAL A 311 -5.18 -9.45 12.88
C VAL A 311 -6.37 -10.41 13.01
N VAL A 312 -6.50 -11.01 14.18
CA VAL A 312 -7.62 -11.91 14.45
C VAL A 312 -8.19 -11.43 15.79
N GLY A 313 -9.16 -10.51 15.71
CA GLY A 313 -9.76 -9.96 16.90
C GLY A 313 -10.85 -10.80 17.55
N ARG A 314 -10.99 -10.64 18.86
CA ARG A 314 -11.97 -11.39 19.64
C ARG A 314 -13.39 -11.31 19.07
N ASP A 315 -13.77 -10.12 18.59
CA ASP A 315 -15.11 -9.92 18.07
C ASP A 315 -15.35 -10.37 16.62
N GLY A 316 -14.30 -10.85 15.96
CA GLY A 316 -14.46 -11.32 14.59
C GLY A 316 -13.86 -10.44 13.51
N THR A 317 -13.28 -9.31 13.90
CA THR A 317 -12.65 -8.40 12.96
C THR A 317 -11.27 -8.97 12.61
N CYS A 318 -11.10 -9.41 11.35
CA CYS A 318 -9.83 -9.99 10.91
C CYS A 318 -9.32 -9.38 9.61
N GLY A 319 -8.02 -9.55 9.36
CA GLY A 319 -7.42 -9.03 8.15
C GLY A 319 -5.92 -9.00 8.30
N VAL A 320 -5.25 -8.15 7.52
CA VAL A 320 -3.79 -8.07 7.62
C VAL A 320 -3.25 -6.67 7.35
N VAL A 321 -2.44 -6.17 8.27
CA VAL A 321 -1.82 -4.85 8.10
C VAL A 321 -0.53 -5.10 7.36
N CYS A 322 -0.28 -4.35 6.31
CA CYS A 322 0.92 -4.56 5.52
C CYS A 322 1.86 -3.37 5.43
N GLU A 323 3.15 -3.62 5.64
CA GLU A 323 4.18 -2.61 5.46
C GLU A 323 4.50 -2.63 3.97
N HIS A 324 4.29 -1.49 3.33
CA HIS A 324 4.39 -1.32 1.90
C HIS A 324 5.73 -1.51 1.17
N SER A 325 6.83 -1.10 1.79
CA SER A 325 8.14 -1.07 1.13
C SER A 325 8.61 -2.39 0.47
N PRO A 326 8.31 -3.58 1.00
CA PRO A 326 8.84 -4.80 0.37
C PRO A 326 8.01 -5.42 -0.75
N PHE A 327 6.75 -5.04 -0.93
CA PHE A 327 5.94 -5.61 -1.99
C PHE A 327 4.63 -4.85 -2.14
N ASP A 328 3.98 -5.02 -3.29
CA ASP A 328 2.73 -4.31 -3.54
C ASP A 328 1.47 -5.15 -3.32
N GLY A 329 0.33 -4.47 -3.32
CA GLY A 329 -0.97 -5.09 -3.05
C GLY A 329 -1.40 -6.31 -3.88
N ILE A 330 -0.99 -6.43 -5.13
CA ILE A 330 -1.44 -7.58 -5.91
C ILE A 330 -0.84 -8.85 -5.35
N VAL A 331 0.47 -8.84 -5.15
CA VAL A 331 1.15 -10.01 -4.60
C VAL A 331 0.55 -10.32 -3.23
N LEU A 332 0.32 -9.28 -2.43
CA LEU A 332 -0.25 -9.46 -1.10
C LEU A 332 -1.61 -10.15 -1.17
N VAL A 333 -2.48 -9.67 -2.06
CA VAL A 333 -3.82 -10.25 -2.17
C VAL A 333 -3.81 -11.70 -2.62
N GLN A 334 -2.90 -12.06 -3.51
CA GLN A 334 -2.82 -13.45 -3.98
C GLN A 334 -2.46 -14.37 -2.83
N CYS A 335 -1.54 -13.91 -2.00
CA CYS A 335 -1.10 -14.65 -0.84
C CYS A 335 -2.26 -14.84 0.13
N THR A 336 -2.87 -13.72 0.53
CA THR A 336 -3.98 -13.78 1.47
C THR A 336 -5.13 -14.63 0.95
N GLU A 337 -5.51 -14.45 -0.31
CA GLU A 337 -6.60 -15.26 -0.87
C GLU A 337 -6.24 -16.74 -0.84
N HIS A 338 -4.95 -17.05 -0.96
CA HIS A 338 -4.52 -18.43 -0.92
C HIS A 338 -4.66 -18.92 0.53
N LEU A 339 -4.21 -18.09 1.47
CA LEU A 339 -4.31 -18.43 2.88
C LEU A 339 -5.76 -18.74 3.24
N LEU A 340 -6.65 -17.81 2.94
CA LEU A 340 -8.06 -18.00 3.26
C LEU A 340 -8.66 -19.21 2.56
N LYS A 341 -8.24 -19.50 1.34
CA LYS A 341 -8.75 -20.66 0.63
C LYS A 341 -8.29 -21.91 1.35
N HIS A 342 -7.06 -21.88 1.84
CA HIS A 342 -6.47 -22.99 2.56
C HIS A 342 -7.23 -23.25 3.85
N MET A 343 -7.84 -22.20 4.40
CA MET A 343 -8.61 -22.34 5.62
C MET A 343 -9.97 -22.97 5.31
N THR A 344 -10.38 -22.90 4.04
CA THR A 344 -11.61 -23.50 3.57
C THR A 344 -11.34 -24.97 3.37
N GLN A 345 -10.10 -25.25 2.98
CA GLN A 345 -9.65 -26.65 2.75
C GLN A 345 -9.41 -27.41 4.05
N PRO A 346 -9.88 -28.65 4.06
CA PRO A 346 -9.86 -29.58 5.22
C PRO A 346 -8.56 -29.73 5.99
N GLU A 347 -8.76 -29.78 7.31
CA GLU A 347 -7.68 -29.98 8.26
C GLU A 347 -7.05 -31.35 8.04
N LEU A 348 -5.77 -31.34 7.71
CA LEU A 348 -4.99 -32.54 7.43
C LEU A 348 -4.82 -33.45 8.62
N VAL A 349 -3.96 -34.45 8.40
CA VAL A 349 -3.64 -35.27 9.53
C VAL A 349 -2.82 -34.45 10.49
N ARG A 350 -2.69 -34.99 11.70
CA ARG A 350 -1.99 -34.32 12.77
C ARG A 350 -0.48 -34.38 12.73
N SER A 351 0.09 -33.31 13.31
CA SER A 351 1.47 -33.26 13.77
C SER A 351 1.49 -32.87 15.25
N PRO A 352 1.84 -33.86 16.10
CA PRO A 352 1.75 -33.72 17.55
C PRO A 352 3.09 -33.62 18.26
N MET A 353 3.14 -32.61 19.13
CA MET A 353 4.36 -32.17 19.84
C MET A 353 4.41 -32.34 21.37
N VAL A 354 5.21 -33.37 21.68
CA VAL A 354 5.48 -33.81 23.01
C VAL A 354 6.98 -33.91 23.24
N PRO A 355 7.56 -33.11 24.15
CA PRO A 355 6.86 -32.13 24.98
C PRO A 355 6.72 -30.77 24.30
N LEU A 356 5.56 -30.14 24.48
CA LEU A 356 5.26 -28.85 23.87
C LEU A 356 5.61 -27.67 24.79
N PRO A 357 6.82 -27.10 24.64
CA PRO A 357 7.29 -25.97 25.44
C PRO A 357 6.30 -24.80 25.44
N ALA A 358 6.37 -23.95 26.46
CA ALA A 358 5.49 -22.81 26.55
C ALA A 358 6.08 -21.61 25.82
N PRO A 359 5.25 -20.84 25.11
CA PRO A 359 5.70 -19.66 24.36
C PRO A 359 6.42 -18.67 25.27
N ARG A 360 7.48 -18.06 24.75
CA ARG A 360 8.26 -17.09 25.52
C ARG A 360 7.79 -15.65 25.35
N ARG A 361 7.60 -14.97 26.47
CA ARG A 361 7.17 -13.57 26.44
C ARG A 361 8.41 -12.71 26.30
N LEU A 362 8.44 -11.84 25.29
CA LEU A 362 9.59 -10.96 25.09
C LEU A 362 9.67 -9.98 26.25
N ARG A 363 10.85 -9.91 26.86
CA ARG A 363 11.06 -9.01 28.00
C ARG A 363 11.59 -7.66 27.56
N TRP A 364 11.18 -6.61 28.27
CA TRP A 364 11.63 -5.25 27.96
C TRP A 364 12.11 -4.54 29.23
N LYS A 365 13.24 -3.86 29.13
CA LYS A 365 13.80 -3.11 30.26
C LYS A 365 13.48 -1.64 30.00
N CYS A 366 12.35 -1.18 30.52
CA CYS A 366 11.93 0.20 30.33
C CYS A 366 12.64 1.14 31.29
N SER A 367 12.76 2.40 30.87
CA SER A 367 13.41 3.42 31.67
C SER A 367 12.53 4.67 31.66
N PRO A 368 12.95 5.73 32.38
CA PRO A 368 12.17 6.96 32.40
C PRO A 368 12.08 7.54 31.00
N GLU A 369 13.17 7.41 30.25
CA GLU A 369 13.23 7.90 28.88
C GLU A 369 12.11 7.26 28.08
N ILE A 370 12.20 5.95 27.88
CA ILE A 370 11.21 5.19 27.13
C ILE A 370 9.78 5.56 27.53
N GLN A 371 9.57 5.80 28.81
CA GLN A 371 8.24 6.16 29.31
C GLN A 371 7.76 7.43 28.64
N GLY A 372 8.68 8.37 28.43
CA GLY A 372 8.33 9.61 27.78
C GLY A 372 8.02 9.38 26.31
N HIS A 373 8.82 8.55 25.66
CA HIS A 373 8.64 8.22 24.25
C HIS A 373 7.28 7.56 24.01
N LEU A 374 6.88 6.72 24.96
CA LEU A 374 5.60 6.02 24.84
C LEU A 374 4.46 7.03 24.89
N ALA A 375 4.60 8.03 25.76
CA ALA A 375 3.59 9.07 25.90
C ALA A 375 3.45 9.85 24.61
N SER A 376 4.57 10.27 24.03
CA SER A 376 4.55 11.02 22.78
C SER A 376 3.87 10.21 21.68
N SER A 377 4.33 8.96 21.51
CA SER A 377 3.78 8.09 20.49
C SER A 377 2.29 7.89 20.66
N ALA A 378 1.86 7.76 21.92
CA ALA A 378 0.45 7.59 22.21
C ALA A 378 -0.31 8.80 21.67
N GLU A 379 0.25 9.98 21.94
CA GLU A 379 -0.35 11.23 21.51
C GLU A 379 -0.29 11.40 19.99
N LYS A 380 0.83 11.04 19.39
CA LYS A 380 0.98 11.16 17.95
C LYS A 380 0.00 10.27 17.22
N LEU A 381 -0.17 9.05 17.76
CA LEU A 381 -1.07 8.09 17.15
C LEU A 381 -2.51 8.58 17.24
N GLN A 382 -2.88 9.13 18.39
CA GLN A 382 -4.24 9.62 18.57
C GLN A 382 -4.57 10.66 17.51
N ARG A 383 -3.59 11.47 17.13
CA ARG A 383 -3.79 12.48 16.09
C ARG A 383 -4.11 11.81 14.75
N ILE A 384 -3.41 10.73 14.44
CA ILE A 384 -3.65 10.01 13.20
C ILE A 384 -5.05 9.42 13.22
N VAL A 385 -5.44 8.85 14.36
CA VAL A 385 -6.75 8.26 14.49
C VAL A 385 -7.88 9.26 14.27
N LYS A 386 -7.81 10.41 14.93
CA LYS A 386 -8.88 11.38 14.75
C LYS A 386 -8.81 12.16 13.44
N ASN A 387 -7.65 12.17 12.78
CA ASN A 387 -7.53 12.90 11.52
C ASN A 387 -7.99 12.11 10.29
N LEU A 388 -8.03 10.78 10.39
CA LEU A 388 -8.44 9.96 9.26
C LEU A 388 -9.95 9.97 8.99
N ASP A 389 -10.35 10.48 7.84
CA ASP A 389 -11.72 10.46 7.39
C ASP A 389 -11.84 9.33 6.41
N PHE A 390 -12.41 8.21 6.83
CA PHE A 390 -12.48 7.03 5.95
C PHE A 390 -13.88 6.47 5.74
N ILE A 391 -14.13 5.94 4.55
CA ILE A 391 -15.41 5.34 4.25
C ILE A 391 -15.29 4.26 3.18
N VAL A 392 -16.06 3.19 3.35
CA VAL A 392 -16.08 2.09 2.39
C VAL A 392 -17.38 2.28 1.62
N TYR A 393 -17.29 2.58 0.33
CA TYR A 393 -18.49 2.77 -0.47
C TYR A 393 -18.60 1.73 -1.57
N LYS A 394 -19.74 1.04 -1.57
CA LYS A 394 -20.00 0.00 -2.56
C LYS A 394 -21.02 0.48 -3.59
N PHE A 395 -20.55 0.79 -4.77
CA PHE A 395 -21.37 1.18 -5.88
C PHE A 395 -21.99 -0.08 -6.41
N ASP A 396 -23.32 -0.20 -6.38
CA ASP A 396 -23.97 -1.43 -6.83
C ASP A 396 -24.85 -1.32 -8.07
N ASN A 397 -24.88 -0.16 -8.71
CA ASN A 397 -25.73 -0.01 -9.89
C ASN A 397 -25.17 -0.84 -11.04
N TYR A 398 -23.84 -0.97 -11.10
CA TYR A 398 -23.20 -1.77 -12.15
C TYR A 398 -21.71 -1.92 -11.94
N GLY A 399 -21.08 -2.76 -12.76
CA GLY A 399 -19.66 -2.98 -12.65
C GLY A 399 -18.98 -3.18 -13.98
N LYS A 400 -17.94 -4.01 -14.00
CA LYS A 400 -17.19 -4.30 -15.22
C LYS A 400 -18.07 -4.73 -16.40
N THR A 401 -19.02 -5.63 -16.15
CA THR A 401 -19.89 -6.12 -17.22
C THR A 401 -20.47 -5.00 -18.07
N PHE A 402 -21.15 -4.05 -17.44
CA PHE A 402 -21.74 -2.94 -18.18
C PHE A 402 -20.67 -2.11 -18.89
N ILE A 403 -19.56 -1.85 -18.20
CA ILE A 403 -18.49 -1.04 -18.77
C ILE A 403 -17.91 -1.67 -20.03
N LYS A 404 -17.72 -3.00 -20.00
CA LYS A 404 -17.18 -3.68 -21.17
C LYS A 404 -18.16 -3.57 -22.33
N LYS A 405 -19.46 -3.47 -22.03
CA LYS A 405 -20.47 -3.36 -23.08
C LYS A 405 -20.37 -2.01 -23.77
N GLN A 406 -19.61 -1.10 -23.18
CA GLN A 406 -19.43 0.22 -23.79
C GLN A 406 -18.11 0.23 -24.53
N LYS A 407 -17.51 -0.96 -24.67
CA LYS A 407 -16.23 -1.10 -25.36
C LYS A 407 -15.18 -0.26 -24.63
N CYS A 408 -15.24 -0.32 -23.29
CA CYS A 408 -14.35 0.47 -22.48
C CYS A 408 -13.60 -0.35 -21.42
N SER A 409 -12.39 0.08 -21.18
CA SER A 409 -11.58 -0.58 -20.17
C SER A 409 -12.18 -0.25 -18.78
N PRO A 410 -12.56 -1.20 -17.90
CA PRO A 410 -13.16 -0.79 -16.64
C PRO A 410 -12.26 0.23 -15.92
N ASP A 411 -10.99 -0.21 -15.71
CA ASP A 411 -10.03 0.61 -15.00
C ASP A 411 -10.01 2.02 -15.55
N ALA A 412 -9.88 2.18 -16.86
CA ALA A 412 -9.87 3.50 -17.47
C ALA A 412 -11.17 4.25 -17.17
N PHE A 413 -12.30 3.56 -17.32
CA PHE A 413 -13.62 4.13 -17.07
C PHE A 413 -13.72 4.61 -15.63
N ILE A 414 -13.23 3.80 -14.71
CA ILE A 414 -13.27 4.17 -13.30
C ILE A 414 -12.32 5.33 -13.00
N GLN A 415 -11.15 5.33 -13.62
CA GLN A 415 -10.20 6.41 -13.43
C GLN A 415 -10.80 7.73 -13.87
N VAL A 416 -11.52 7.71 -15.00
CA VAL A 416 -12.18 8.89 -15.52
C VAL A 416 -13.30 9.31 -14.56
N ALA A 417 -14.00 8.34 -13.99
CA ALA A 417 -15.09 8.66 -13.06
C ALA A 417 -14.51 9.41 -11.86
N LEU A 418 -13.35 8.97 -11.38
CA LEU A 418 -12.71 9.62 -10.24
C LEU A 418 -12.33 11.05 -10.56
N GLN A 419 -11.87 11.29 -11.79
CA GLN A 419 -11.50 12.65 -12.20
C GLN A 419 -12.75 13.53 -12.19
N LEU A 420 -13.86 13.01 -12.73
CA LEU A 420 -15.10 13.78 -12.74
C LEU A 420 -15.58 14.04 -11.32
N ALA A 421 -15.50 13.02 -10.46
CA ALA A 421 -15.91 13.19 -9.07
C ALA A 421 -15.07 14.30 -8.43
N PHE A 422 -13.75 14.23 -8.63
CA PHE A 422 -12.90 15.25 -8.06
C PHE A 422 -13.25 16.65 -8.56
N TYR A 423 -13.40 16.78 -9.87
CA TYR A 423 -13.70 18.08 -10.46
C TYR A 423 -15.06 18.67 -10.06
N ARG A 424 -16.10 17.84 -10.06
CA ARG A 424 -17.43 18.34 -9.72
C ARG A 424 -17.50 18.81 -8.27
N LEU A 425 -16.66 18.23 -7.43
CA LEU A 425 -16.62 18.60 -6.02
C LEU A 425 -15.71 19.79 -5.75
N HIS A 426 -14.48 19.80 -6.31
CA HIS A 426 -13.50 20.84 -6.06
C HIS A 426 -13.25 21.86 -7.16
N ARG A 427 -13.84 21.69 -8.35
CA ARG A 427 -13.70 22.66 -9.41
C ARG A 427 -12.31 22.76 -10.07
N ARG A 428 -11.56 21.67 -10.04
CA ARG A 428 -10.24 21.64 -10.64
C ARG A 428 -9.77 20.20 -10.66
N LEU A 429 -8.84 19.94 -11.58
CA LEU A 429 -8.14 18.66 -11.64
C LEU A 429 -6.82 18.85 -10.97
N VAL A 430 -6.28 17.78 -10.43
CA VAL A 430 -4.99 17.86 -9.75
C VAL A 430 -4.14 16.69 -10.17
N PRO A 431 -2.83 16.85 -10.10
CA PRO A 431 -1.98 15.74 -10.44
C PRO A 431 -2.49 14.48 -9.69
N THR A 432 -2.70 13.42 -10.44
CA THR A 432 -3.23 12.18 -9.90
C THR A 432 -2.29 11.02 -10.14
N TYR A 433 -2.28 10.10 -9.18
CA TYR A 433 -1.42 8.94 -9.25
C TYR A 433 -2.23 7.65 -9.29
N GLU A 434 -1.83 6.73 -10.16
CA GLU A 434 -2.46 5.42 -10.22
C GLU A 434 -1.35 4.39 -10.39
N SER A 435 -1.31 3.44 -9.46
CA SER A 435 -0.32 2.40 -9.47
C SER A 435 -0.45 1.57 -10.74
N ALA A 436 0.64 1.46 -11.48
CA ALA A 436 0.64 0.67 -12.71
C ALA A 436 1.74 -0.36 -12.50
N SER A 437 1.36 -1.63 -12.46
CA SER A 437 2.35 -2.68 -12.25
C SER A 437 3.29 -2.85 -13.43
N ILE A 438 4.59 -2.91 -13.14
CA ILE A 438 5.60 -3.14 -14.15
C ILE A 438 6.31 -4.46 -13.85
N ARG A 439 5.55 -5.42 -13.30
CA ARG A 439 6.12 -6.71 -12.97
C ARG A 439 6.50 -7.51 -14.22
N ARG A 440 6.26 -6.94 -15.39
CA ARG A 440 6.62 -7.62 -16.63
C ARG A 440 8.14 -7.60 -16.73
N PHE A 441 8.77 -6.76 -15.93
CA PHE A 441 10.23 -6.63 -15.96
C PHE A 441 10.85 -7.08 -14.65
N GLN A 442 12.12 -7.45 -14.71
CA GLN A 442 12.85 -7.93 -13.54
C GLN A 442 12.73 -6.98 -12.35
N GLU A 443 12.38 -7.53 -11.19
CA GLU A 443 12.24 -6.75 -9.96
C GLU A 443 11.24 -5.61 -10.09
N GLY A 444 10.42 -5.68 -11.13
CA GLY A 444 9.44 -4.64 -11.36
C GLY A 444 8.44 -4.43 -10.24
N ARG A 445 8.30 -3.17 -9.83
CA ARG A 445 7.34 -2.80 -8.80
C ARG A 445 6.20 -2.09 -9.54
N VAL A 446 6.22 -0.76 -9.57
CA VAL A 446 5.18 -0.01 -10.27
C VAL A 446 5.69 1.32 -10.78
N ASP A 447 5.01 1.88 -11.75
CA ASP A 447 5.30 3.20 -12.27
C ASP A 447 4.00 3.94 -12.13
N ASN A 448 3.91 5.17 -12.63
CA ASN A 448 2.70 5.97 -12.45
C ASN A 448 1.88 6.27 -13.72
N ILE A 449 0.57 6.12 -13.59
CA ILE A 449 -0.38 6.44 -14.64
C ILE A 449 -0.95 7.78 -14.24
N ARG A 450 -0.66 8.83 -14.99
CA ARG A 450 -1.16 10.17 -14.65
C ARG A 450 -2.53 10.39 -15.26
N SER A 451 -3.55 10.07 -14.49
CA SER A 451 -4.93 10.16 -14.93
C SER A 451 -5.50 11.56 -15.17
N ALA A 452 -4.85 12.60 -14.63
CA ALA A 452 -5.34 13.96 -14.82
C ALA A 452 -4.91 14.49 -16.18
N THR A 453 -5.36 13.82 -17.24
CA THR A 453 -5.02 14.15 -18.61
C THR A 453 -5.80 15.37 -19.14
N PRO A 454 -5.36 15.92 -20.28
CA PRO A 454 -6.03 17.07 -20.89
C PRO A 454 -7.43 16.66 -21.34
N GLU A 455 -7.55 15.41 -21.80
CA GLU A 455 -8.82 14.88 -22.27
C GLU A 455 -9.83 14.76 -21.13
N ALA A 456 -9.32 14.45 -19.93
CA ALA A 456 -10.17 14.33 -18.77
C ALA A 456 -10.71 15.71 -18.41
N LEU A 457 -9.85 16.72 -18.55
CA LEU A 457 -10.25 18.08 -18.23
C LEU A 457 -11.38 18.53 -19.15
N ALA A 458 -11.21 18.30 -20.45
CA ALA A 458 -12.23 18.69 -21.42
C ALA A 458 -13.56 18.01 -21.13
N PHE A 459 -13.50 16.76 -20.67
CA PHE A 459 -14.71 16.02 -20.35
C PHE A 459 -15.38 16.53 -19.07
N VAL A 460 -14.62 16.68 -17.99
CA VAL A 460 -15.20 17.13 -16.74
C VAL A 460 -15.76 18.55 -16.83
N ARG A 461 -15.15 19.38 -17.68
CA ARG A 461 -15.62 20.74 -17.87
C ARG A 461 -16.95 20.75 -18.62
N ALA A 462 -17.06 19.88 -19.61
CA ALA A 462 -18.29 19.79 -20.40
C ALA A 462 -19.44 19.34 -19.52
N VAL A 463 -19.15 18.38 -18.65
CA VAL A 463 -20.18 17.85 -17.76
C VAL A 463 -20.63 18.82 -16.67
N THR A 464 -19.68 19.59 -16.13
CA THR A 464 -19.99 20.48 -15.01
C THR A 464 -20.30 21.96 -15.33
N ASP A 465 -19.86 22.42 -16.49
CA ASP A 465 -20.11 23.82 -16.86
C ASP A 465 -21.48 23.98 -17.52
N HIS A 466 -22.51 24.19 -16.69
CA HIS A 466 -23.88 24.37 -17.17
C HIS A 466 -24.01 25.44 -18.24
N LYS A 467 -23.36 26.58 -18.01
CA LYS A 467 -23.41 27.69 -18.95
C LYS A 467 -22.91 27.33 -20.34
N ALA A 468 -22.08 26.30 -20.45
CA ALA A 468 -21.58 25.89 -21.75
C ALA A 468 -22.69 25.16 -22.49
N ALA A 469 -23.55 24.49 -21.73
CA ALA A 469 -24.66 23.74 -22.31
C ALA A 469 -24.17 22.78 -23.38
N VAL A 470 -23.08 22.07 -23.10
CA VAL A 470 -22.57 21.10 -24.05
C VAL A 470 -23.60 20.00 -24.27
N PRO A 471 -23.95 19.74 -25.53
CA PRO A 471 -24.94 18.70 -25.90
C PRO A 471 -24.50 17.34 -25.34
N ALA A 472 -25.45 16.57 -24.86
CA ALA A 472 -25.15 15.25 -24.30
C ALA A 472 -24.37 14.39 -25.30
N SER A 473 -24.66 14.55 -26.59
CA SER A 473 -23.96 13.77 -27.59
C SER A 473 -22.48 14.11 -27.60
N GLU A 474 -22.17 15.38 -27.38
CA GLU A 474 -20.78 15.84 -27.35
C GLU A 474 -20.09 15.33 -26.07
N LYS A 475 -20.83 15.38 -24.95
CA LYS A 475 -20.29 14.89 -23.69
C LYS A 475 -19.87 13.43 -23.84
N LEU A 476 -20.66 12.66 -24.57
CA LEU A 476 -20.36 11.25 -24.79
C LEU A 476 -19.06 11.11 -25.55
N LEU A 477 -18.88 11.93 -26.59
CA LEU A 477 -17.66 11.90 -27.38
C LEU A 477 -16.46 12.24 -26.49
N LEU A 478 -16.58 13.30 -25.70
CA LEU A 478 -15.49 13.68 -24.82
C LEU A 478 -15.21 12.56 -23.81
N LEU A 479 -16.28 11.90 -23.36
CA LEU A 479 -16.14 10.80 -22.41
C LEU A 479 -15.34 9.67 -23.05
N LYS A 480 -15.71 9.27 -24.25
CA LYS A 480 -14.98 8.18 -24.90
C LYS A 480 -13.52 8.56 -25.18
N ASP A 481 -13.28 9.82 -25.52
CA ASP A 481 -11.91 10.26 -25.78
C ASP A 481 -11.11 10.27 -24.48
N ALA A 482 -11.77 10.64 -23.38
CA ALA A 482 -11.09 10.66 -22.09
C ALA A 482 -10.67 9.23 -21.76
N ILE A 483 -11.59 8.28 -21.95
CA ILE A 483 -11.28 6.89 -21.67
C ILE A 483 -10.19 6.36 -22.60
N ARG A 484 -10.19 6.83 -23.84
CA ARG A 484 -9.18 6.40 -24.81
C ARG A 484 -7.81 6.88 -24.36
N ALA A 485 -7.74 8.11 -23.89
CA ALA A 485 -6.47 8.67 -23.42
C ALA A 485 -5.98 7.99 -22.14
N GLN A 486 -6.92 7.61 -21.27
CA GLN A 486 -6.61 6.92 -20.02
C GLN A 486 -5.95 5.60 -20.36
N THR A 487 -6.57 4.88 -21.29
CA THR A 487 -6.09 3.59 -21.72
C THR A 487 -4.71 3.68 -22.37
N ALA A 488 -4.53 4.71 -23.20
CA ALA A 488 -3.26 4.90 -23.88
C ALA A 488 -2.13 5.10 -22.87
N TYR A 489 -2.39 5.91 -21.83
CA TYR A 489 -1.38 6.17 -20.81
C TYR A 489 -1.13 4.89 -20.00
N THR A 490 -2.19 4.12 -19.79
CA THR A 490 -2.09 2.88 -19.05
C THR A 490 -1.14 1.95 -19.80
N VAL A 491 -1.38 1.76 -21.10
CA VAL A 491 -0.53 0.90 -21.91
C VAL A 491 0.90 1.43 -21.88
N MET A 492 1.05 2.74 -21.91
CA MET A 492 2.36 3.35 -21.89
C MET A 492 3.10 3.03 -20.58
N ALA A 493 2.41 3.19 -19.46
CA ALA A 493 3.01 2.93 -18.16
C ALA A 493 3.39 1.48 -17.91
N ILE A 494 2.47 0.55 -18.15
CA ILE A 494 2.75 -0.85 -17.90
C ILE A 494 3.81 -1.47 -18.81
N THR A 495 4.19 -0.75 -19.86
CA THR A 495 5.23 -1.26 -20.74
C THR A 495 6.52 -0.49 -20.50
N GLY A 496 6.56 0.22 -19.37
CA GLY A 496 7.74 0.96 -18.98
C GLY A 496 8.09 2.17 -19.83
N MET A 497 7.10 2.72 -20.53
CA MET A 497 7.33 3.87 -21.38
C MET A 497 6.78 5.16 -20.78
N ALA A 498 6.32 5.10 -19.54
CA ALA A 498 5.79 6.27 -18.85
C ALA A 498 6.89 7.23 -18.40
N ILE A 499 6.62 8.17 -17.48
CA ILE A 499 7.67 9.12 -17.15
C ILE A 499 8.16 9.16 -15.70
N ASP A 500 7.32 8.97 -14.72
CA ASP A 500 7.78 9.11 -13.35
C ASP A 500 9.11 8.39 -13.00
N ASN A 501 9.20 7.09 -13.21
CA ASN A 501 10.44 6.40 -12.87
C ASN A 501 11.63 6.97 -13.62
N HIS A 502 11.42 7.29 -14.90
CA HIS A 502 12.47 7.85 -15.74
C HIS A 502 13.01 9.15 -15.16
N LEU A 503 12.12 10.10 -14.88
CA LEU A 503 12.51 11.39 -14.32
C LEU A 503 13.18 11.22 -12.95
N LEU A 504 12.72 10.25 -12.17
CA LEU A 504 13.29 9.99 -10.86
C LEU A 504 14.77 9.61 -11.04
N ALA A 505 15.04 8.65 -11.91
CA ALA A 505 16.41 8.21 -12.15
C ALA A 505 17.30 9.36 -12.60
N LEU A 506 16.84 10.13 -13.57
CA LEU A 506 17.63 11.26 -14.06
C LEU A 506 17.92 12.20 -12.90
N ARG A 507 16.91 12.44 -12.09
CA ARG A 507 17.03 13.33 -10.94
C ARG A 507 18.11 12.89 -9.94
N GLU A 508 18.09 11.60 -9.57
CA GLU A 508 19.06 11.09 -8.61
C GLU A 508 20.45 10.92 -9.20
N LEU A 509 20.54 10.71 -10.51
CA LEU A 509 21.84 10.58 -11.17
C LEU A 509 22.49 11.96 -11.13
N ALA A 510 21.70 12.99 -11.39
CA ALA A 510 22.20 14.35 -11.37
C ALA A 510 22.66 14.67 -9.96
N ARG A 511 21.82 14.34 -8.98
CA ARG A 511 22.12 14.58 -7.58
C ARG A 511 23.51 14.00 -7.24
N ALA A 512 23.83 12.85 -7.82
CA ALA A 512 25.13 12.23 -7.57
C ALA A 512 26.25 13.11 -8.13
N MET A 513 25.97 13.78 -9.25
CA MET A 513 26.97 14.68 -9.85
C MET A 513 27.19 15.93 -9.00
N CYS A 514 26.09 16.49 -8.51
CA CYS A 514 26.13 17.72 -7.71
C CYS A 514 24.85 17.84 -6.89
N ALA A 515 25.00 18.04 -5.58
CA ALA A 515 23.85 18.15 -4.68
C ALA A 515 22.85 19.22 -5.11
N ALA A 516 23.29 20.14 -5.96
CA ALA A 516 22.41 21.18 -6.47
C ALA A 516 21.73 20.68 -7.74
N LEU A 517 20.47 20.25 -7.60
CA LEU A 517 19.71 19.73 -8.72
C LEU A 517 19.54 20.76 -9.84
N PRO A 518 19.33 20.30 -11.08
CA PRO A 518 19.16 21.19 -12.22
C PRO A 518 17.83 21.94 -12.10
N GLU A 519 17.70 23.05 -12.80
CA GLU A 519 16.47 23.84 -12.78
C GLU A 519 15.30 22.87 -12.96
N MET A 520 15.50 22.02 -13.97
CA MET A 520 14.55 20.99 -14.42
C MET A 520 13.78 20.39 -13.24
N PHE A 521 14.50 20.01 -12.20
CA PHE A 521 13.87 19.41 -11.04
C PHE A 521 13.59 20.35 -9.87
N MET A 522 14.05 21.59 -9.97
CA MET A 522 13.79 22.56 -8.92
C MET A 522 12.53 23.33 -9.31
N ASP A 523 12.23 23.30 -10.60
CA ASP A 523 11.06 23.93 -11.15
C ASP A 523 9.79 23.63 -10.34
N GLU A 524 9.02 24.66 -10.02
CA GLU A 524 7.79 24.46 -9.24
C GLU A 524 6.84 23.50 -9.98
N THR A 525 6.93 23.47 -11.29
CA THR A 525 6.08 22.59 -12.09
C THR A 525 6.38 21.12 -11.79
N TYR A 526 7.65 20.78 -11.64
CA TYR A 526 8.03 19.40 -11.35
C TYR A 526 7.62 19.03 -9.94
N LEU A 527 7.85 19.94 -9.00
CA LEU A 527 7.51 19.70 -7.61
C LEU A 527 6.00 19.49 -7.47
N MET A 528 5.24 20.34 -8.16
CA MET A 528 3.80 20.25 -8.11
C MET A 528 3.28 18.95 -8.75
N SER A 529 3.92 18.53 -9.83
CA SER A 529 3.51 17.31 -10.52
C SER A 529 3.60 16.07 -9.64
N ASN A 530 4.37 16.15 -8.55
CA ASN A 530 4.53 14.99 -7.70
C ASN A 530 3.77 15.02 -6.38
N ARG A 531 2.95 16.05 -6.18
CA ARG A 531 2.10 16.14 -4.98
C ARG A 531 0.75 15.56 -5.42
N PHE A 532 0.56 14.28 -5.18
CA PHE A 532 -0.63 13.60 -5.61
C PHE A 532 -1.86 13.78 -4.74
N VAL A 533 -2.59 14.86 -5.00
CA VAL A 533 -3.78 15.18 -4.26
C VAL A 533 -4.82 14.06 -4.38
N LEU A 534 -4.75 13.31 -5.44
CA LEU A 534 -5.63 12.17 -5.67
C LEU A 534 -4.70 10.98 -5.93
N SER A 535 -4.55 10.11 -4.95
CA SER A 535 -3.70 8.95 -5.10
C SER A 535 -4.57 7.71 -5.19
N THR A 536 -4.40 6.90 -6.23
CA THR A 536 -5.27 5.75 -6.42
C THR A 536 -4.61 4.46 -6.85
N SER A 537 -5.43 3.41 -6.88
CA SER A 537 -4.97 2.09 -7.30
C SER A 537 -6.12 1.10 -7.34
N GLN A 538 -5.99 0.13 -8.23
CA GLN A 538 -6.99 -0.93 -8.35
C GLN A 538 -6.40 -2.15 -7.65
N VAL A 539 -7.14 -2.70 -6.69
CA VAL A 539 -6.71 -3.90 -5.98
C VAL A 539 -7.90 -4.83 -6.06
N PRO A 540 -8.01 -5.58 -7.17
CA PRO A 540 -9.09 -6.53 -7.40
C PRO A 540 -8.94 -7.77 -6.56
N THR A 541 -10.07 -8.36 -6.15
CA THR A 541 -10.07 -9.57 -5.35
C THR A 541 -11.32 -10.36 -5.67
N THR A 542 -11.19 -11.69 -5.66
CA THR A 542 -12.31 -12.58 -5.92
C THR A 542 -13.07 -12.78 -4.61
N THR A 543 -12.32 -12.77 -3.51
CA THR A 543 -12.87 -12.96 -2.18
C THR A 543 -13.71 -11.76 -1.75
N GLU A 544 -14.23 -11.82 -0.53
CA GLU A 544 -15.03 -10.74 0.01
C GLU A 544 -14.17 -9.61 0.60
N MET A 545 -12.86 -9.76 0.49
CA MET A 545 -11.93 -8.81 1.09
C MET A 545 -11.71 -7.52 0.29
N PHE A 546 -11.05 -6.56 0.92
CA PHE A 546 -10.76 -5.29 0.26
C PHE A 546 -9.53 -4.61 0.87
N CYS A 547 -8.87 -3.80 0.07
CA CYS A 547 -7.66 -3.08 0.46
C CYS A 547 -7.97 -1.59 0.64
N CYS A 548 -7.27 -0.95 1.57
CA CYS A 548 -7.48 0.48 1.80
C CYS A 548 -6.21 1.14 2.36
N TYR A 549 -6.15 2.46 2.25
CA TYR A 549 -4.99 3.22 2.72
C TYR A 549 -5.31 4.70 2.76
N GLY A 550 -4.49 5.46 3.48
CA GLY A 550 -4.71 6.90 3.58
C GLY A 550 -4.15 7.67 2.40
N PRO A 551 -4.32 9.01 2.38
CA PRO A 551 -3.83 9.91 1.33
C PRO A 551 -2.31 10.05 1.47
N VAL A 552 -1.65 10.66 0.49
CA VAL A 552 -0.20 10.86 0.55
C VAL A 552 0.20 12.32 0.74
N VAL A 553 -0.81 13.20 0.80
CA VAL A 553 -0.58 14.64 1.05
C VAL A 553 -1.71 15.13 1.97
N PRO A 554 -1.43 16.14 2.81
CA PRO A 554 -2.43 16.70 3.74
C PRO A 554 -3.80 17.03 3.15
N ASN A 555 -3.81 17.59 1.94
CA ASN A 555 -5.05 18.00 1.30
C ASN A 555 -5.51 17.04 0.19
N GLY A 556 -5.16 15.76 0.30
CA GLY A 556 -5.52 14.81 -0.74
C GLY A 556 -6.40 13.62 -0.35
N TYR A 557 -6.67 12.75 -1.33
CA TYR A 557 -7.51 11.58 -1.09
C TYR A 557 -6.77 10.28 -1.46
N GLY A 558 -7.22 9.18 -0.87
CA GLY A 558 -6.72 7.85 -1.17
C GLY A 558 -7.91 7.06 -1.70
N ALA A 559 -7.82 6.57 -2.91
CA ALA A 559 -8.97 5.85 -3.46
C ALA A 559 -8.53 4.52 -4.05
N CYS A 560 -8.83 3.45 -3.32
CA CYS A 560 -8.49 2.10 -3.75
C CYS A 560 -9.79 1.41 -4.14
N TYR A 561 -9.90 0.96 -5.39
CA TYR A 561 -11.15 0.33 -5.81
C TYR A 561 -11.01 -1.13 -6.23
N ASN A 562 -12.13 -1.85 -6.11
CA ASN A 562 -12.18 -3.25 -6.47
C ASN A 562 -13.36 -3.46 -7.40
N PRO A 563 -13.10 -3.47 -8.72
CA PRO A 563 -14.14 -3.65 -9.73
C PRO A 563 -14.54 -5.11 -9.91
N GLN A 564 -15.84 -5.37 -9.78
CA GLN A 564 -16.38 -6.71 -9.96
C GLN A 564 -17.38 -6.67 -11.12
N PRO A 565 -17.87 -7.83 -11.55
CA PRO A 565 -18.82 -7.86 -12.66
C PRO A 565 -20.03 -6.92 -12.51
N GLU A 566 -20.62 -6.88 -11.33
CA GLU A 566 -21.79 -6.04 -11.12
C GLU A 566 -21.69 -4.95 -10.05
N THR A 567 -20.52 -4.81 -9.43
CA THR A 567 -20.35 -3.79 -8.39
C THR A 567 -18.91 -3.27 -8.39
N ILE A 568 -18.71 -2.14 -7.72
CA ILE A 568 -17.36 -1.57 -7.61
C ILE A 568 -17.21 -1.05 -6.19
N LEU A 569 -16.29 -1.65 -5.44
CA LEU A 569 -16.06 -1.24 -4.07
C LEU A 569 -15.03 -0.12 -4.04
N PHE A 570 -15.38 0.98 -3.36
CA PHE A 570 -14.49 2.12 -3.23
C PHE A 570 -14.08 2.35 -1.78
N CYS A 571 -12.78 2.40 -1.51
CA CYS A 571 -12.29 2.70 -0.17
C CYS A 571 -11.68 4.08 -0.25
N ILE A 572 -12.43 5.07 0.27
CA ILE A 572 -12.00 6.47 0.22
C ILE A 572 -11.47 7.03 1.53
N SER A 573 -10.31 7.69 1.46
CA SER A 573 -9.71 8.27 2.65
C SER A 573 -9.29 9.71 2.41
N SER A 574 -9.33 10.51 3.47
CA SER A 574 -8.88 11.90 3.42
C SER A 574 -8.60 12.30 4.88
N PHE A 575 -8.20 13.54 5.10
CA PHE A 575 -7.89 13.99 6.45
C PHE A 575 -8.85 15.08 6.91
N HIS A 576 -9.48 14.88 8.06
CA HIS A 576 -10.42 15.84 8.62
C HIS A 576 -9.79 17.22 8.81
N SER A 577 -8.46 17.26 8.83
CA SER A 577 -7.74 18.52 9.02
C SER A 577 -7.89 19.47 7.84
N CYS A 578 -8.07 18.91 6.65
CA CYS A 578 -8.23 19.72 5.45
C CYS A 578 -9.71 20.03 5.20
N ALA A 579 -10.11 21.27 5.43
CA ALA A 579 -11.50 21.67 5.24
C ALA A 579 -11.99 21.46 3.81
N ALA A 580 -11.05 21.41 2.88
CA ALA A 580 -11.41 21.24 1.48
C ALA A 580 -11.84 19.82 1.12
N THR A 581 -11.27 18.81 1.77
CA THR A 581 -11.63 17.42 1.45
C THR A 581 -12.70 16.86 2.37
N SER A 582 -13.34 15.80 1.90
CA SER A 582 -14.41 15.12 2.63
C SER A 582 -14.62 13.77 1.94
N SER A 583 -14.37 12.69 2.66
CA SER A 583 -14.54 11.36 2.08
C SER A 583 -16.00 11.02 1.77
N SER A 584 -16.93 11.43 2.62
CA SER A 584 -18.35 11.19 2.38
C SER A 584 -18.81 11.90 1.10
N LYS A 585 -18.43 13.17 0.97
CA LYS A 585 -18.81 13.95 -0.21
C LYS A 585 -18.16 13.38 -1.47
N PHE A 586 -16.89 12.97 -1.36
CA PHE A 586 -16.20 12.41 -2.52
C PHE A 586 -16.86 11.10 -2.97
N ALA A 587 -17.23 10.24 -2.03
CA ALA A 587 -17.88 8.97 -2.38
C ALA A 587 -19.18 9.28 -3.13
N LYS A 588 -19.89 10.30 -2.66
CA LYS A 588 -21.13 10.71 -3.30
C LYS A 588 -20.87 11.17 -4.73
N ALA A 589 -19.79 11.94 -4.91
CA ALA A 589 -19.43 12.46 -6.22
C ALA A 589 -19.04 11.32 -7.16
N VAL A 590 -18.46 10.26 -6.59
CA VAL A 590 -18.09 9.11 -7.39
C VAL A 590 -19.37 8.46 -7.90
N GLU A 591 -20.33 8.29 -7.02
CA GLU A 591 -21.62 7.70 -7.38
C GLU A 591 -22.26 8.49 -8.51
N GLU A 592 -22.40 9.80 -8.32
CA GLU A 592 -23.01 10.65 -9.33
C GLU A 592 -22.25 10.59 -10.65
N SER A 593 -20.92 10.53 -10.55
CA SER A 593 -20.09 10.47 -11.74
C SER A 593 -20.36 9.20 -12.52
N LEU A 594 -20.44 8.07 -11.80
CA LEU A 594 -20.71 6.79 -12.43
C LEU A 594 -22.11 6.76 -13.05
N ILE A 595 -23.08 7.37 -12.36
CA ILE A 595 -24.46 7.44 -12.89
C ILE A 595 -24.46 8.27 -14.17
N ASP A 596 -23.84 9.44 -14.11
CA ASP A 596 -23.75 10.35 -15.26
C ASP A 596 -23.14 9.64 -16.47
N MET A 597 -22.02 8.97 -16.25
CA MET A 597 -21.34 8.27 -17.33
C MET A 597 -22.24 7.18 -17.91
N ARG A 598 -22.96 6.49 -17.04
CA ARG A 598 -23.88 5.45 -17.49
C ARG A 598 -24.95 6.07 -18.39
N ASP A 599 -25.54 7.19 -17.95
CA ASP A 599 -26.57 7.84 -18.75
C ASP A 599 -26.01 8.26 -20.11
N LEU A 600 -24.77 8.74 -20.10
CA LEU A 600 -24.11 9.18 -21.33
C LEU A 600 -23.93 8.02 -22.31
N CYS A 601 -23.55 6.85 -21.80
CA CYS A 601 -23.35 5.68 -22.64
C CYS A 601 -24.65 5.04 -23.11
N SER A 602 -25.75 5.43 -22.47
CA SER A 602 -27.06 4.92 -22.80
C SER A 602 -27.85 5.81 -23.74
N LEU A 603 -27.18 6.77 -24.39
CA LEU A 603 -27.86 7.65 -25.32
C LEU A 603 -28.14 6.87 -26.60
N1A COA B . -13.48 -3.36 -24.26
C2A COA B . -13.92 -4.45 -23.64
N3A COA B . -13.22 -5.02 -22.67
C4A COA B . -12.04 -4.51 -22.27
C5A COA B . -11.54 -3.38 -22.91
C6A COA B . -12.31 -2.80 -23.92
N6A COA B . -11.88 -1.70 -24.53
N7A COA B . -10.39 -3.08 -22.33
C8A COA B . -10.17 -3.96 -21.37
N9A COA B . -11.17 -4.85 -21.34
C1B COA B . -11.27 -6.01 -20.42
C2B COA B . -10.04 -6.91 -20.49
O2B COA B . -10.16 -7.80 -21.61
C3B COA B . -10.21 -7.67 -19.17
O3B COA B . -11.30 -8.60 -19.24
P3B COA B . -11.09 -9.98 -18.46
O7A COA B . -9.65 -10.34 -18.42
O8A COA B . -11.73 -9.83 -16.99
O9A COA B . -12.00 -11.02 -19.28
C4B COA B . -10.59 -6.53 -18.23
O4B COA B . -11.43 -5.66 -19.03
C5B COA B . -9.32 -5.75 -17.89
O5B COA B . -9.84 -4.53 -17.36
P1A COA B . -9.00 -3.17 -17.34
O1A COA B . -8.31 -2.87 -18.62
O2A COA B . -9.95 -2.20 -16.76
O3A COA B . -8.05 -3.53 -16.10
P2A COA B . -6.55 -4.09 -16.03
O4A COA B . -5.90 -4.24 -17.36
O5A COA B . -6.73 -5.26 -15.15
O6A COA B . -5.89 -2.91 -15.15
CBP COA B . -3.98 -1.63 -14.60
CCP COA B . -5.06 -1.88 -15.66
CDP COA B . -3.04 -0.51 -15.08
CEP COA B . -4.63 -1.20 -13.28
CAP COA B . -3.21 -2.94 -14.40
OAP COA B . -2.44 -3.21 -15.58
C9P COA B . -2.25 -2.91 -13.22
O9P COA B . -1.11 -2.48 -13.33
N8P COA B . -2.76 -3.41 -12.09
C7P COA B . -1.97 -3.46 -10.85
C6P COA B . -2.54 -2.53 -9.78
C5P COA B . -1.61 -2.56 -8.57
O5P COA B . -0.39 -2.60 -8.72
N4P COA B . -2.22 -2.56 -7.38
C3P COA B . -1.45 -2.58 -6.14
C2P COA B . -0.76 -1.23 -5.98
S1P COA B . 0.38 -1.23 -4.55
#